data_2FVJ
#
_entry.id   2FVJ
#
_cell.length_a   53.483
_cell.length_b   65.897
_cell.length_c   87.538
_cell.angle_alpha   90.00
_cell.angle_beta   90.00
_cell.angle_gamma   90.00
#
_symmetry.space_group_name_H-M   'P 21 21 21'
#
loop_
_entity.id
_entity.type
_entity.pdbx_description
1 polymer 'Peroxisome proliferator-activated receptor gamma'
2 polymer 'Nuclear receptor coactivator 1'
3 non-polymer 1-(3,4-DIMETHOXYBENZYL)-6,7-DIMETHOXY-4-{[4-(2-METHOXYPHENYL)PIPERIDIN-1-YL]METHYL}ISOQUINOLINE
4 non-polymer GLYCEROL
5 water water
#
loop_
_entity_poly.entity_id
_entity_poly.type
_entity_poly.pdbx_seq_one_letter_code
_entity_poly.pdbx_strand_id
1 'polypeptide(L)'
;ESADLRALAKHLYDSYIKSFPLTKAKARAILTGKTTDKSPFVIYDMNSLMMGEDKIKFKHITPLQEQSKEVAIRIFQGCQ
FRSVEAVQEITEYAKSIPGFVNLDLNDQVTLLKYGVHEIIYTMLASLMNKDGVLISEGQGFMTREFLKSLRKPFGDFMEP
KFEFAVKFNALELDDSDLAIFIAVIILSGDRPGLLNVKPIEDIQDNLLQALELQLKLNHPESSQLFAKLLQKMTDLRQIV
TEHVQLLQVIKKTETDMSLHPLLQEIYKDLY
;
A
2 'polypeptide(L)' QTSHKLVQLLTTT B
#
loop_
_chem_comp.id
_chem_comp.type
_chem_comp.name
_chem_comp.formula
GOL non-polymer GLYCEROL 'C3 H8 O3'
RO0 non-polymer 1-(3,4-DIMETHOXYBENZYL)-6,7-DIMETHOXY-4-{[4-(2-METHOXYPHENYL)PIPERIDIN-1-YL]METHYL}ISOQUINOLINE 'C33 H38 N2 O5'
#
# COMPACT_ATOMS: atom_id res chain seq x y z
N GLU A 1 -20.66 -11.51 17.15
CA GLU A 1 -21.03 -10.63 18.30
C GLU A 1 -20.09 -9.45 18.35
N SER A 2 -20.59 -8.32 18.81
CA SER A 2 -19.82 -7.08 18.70
C SER A 2 -18.56 -7.05 19.56
N ALA A 3 -18.55 -7.70 20.74
CA ALA A 3 -17.28 -7.80 21.48
C ALA A 3 -16.19 -8.56 20.69
N ASP A 4 -16.57 -9.64 20.00
CA ASP A 4 -15.63 -10.38 19.14
C ASP A 4 -15.15 -9.50 17.97
N LEU A 5 -16.04 -8.69 17.42
CA LEU A 5 -15.67 -7.79 16.32
C LEU A 5 -14.67 -6.72 16.80
N ARG A 6 -14.80 -6.28 18.04
CA ARG A 6 -13.84 -5.31 18.57
C ARG A 6 -12.50 -5.96 18.86
N ALA A 7 -12.54 -7.21 19.34
CA ALA A 7 -11.29 -7.94 19.61
C ALA A 7 -10.52 -8.13 18.31
N LEU A 8 -11.27 -8.44 17.24
CA LEU A 8 -10.67 -8.61 15.92
C LEU A 8 -10.05 -7.29 15.43
N ALA A 9 -10.82 -6.21 15.54
CA ALA A 9 -10.30 -4.86 15.21
C ALA A 9 -8.98 -4.57 15.93
N LYS A 10 -8.93 -4.82 17.24
CA LYS A 10 -7.74 -4.50 18.03
C LYS A 10 -6.55 -5.40 17.67
N HIS A 11 -6.82 -6.69 17.48
CA HIS A 11 -5.79 -7.63 17.03
C HIS A 11 -5.21 -7.14 15.69
N LEU A 12 -6.08 -6.75 14.75
CA LEU A 12 -5.53 -6.27 13.48
C LEU A 12 -4.70 -4.99 13.69
N TYR A 13 -5.12 -4.11 14.58
CA TYR A 13 -4.36 -2.89 14.84
C TYR A 13 -3.02 -3.22 15.45
N ASP A 14 -3.00 -4.07 16.48
CA ASP A 14 -1.75 -4.55 17.09
C ASP A 14 -0.80 -5.13 16.06
N SER A 15 -1.30 -5.99 15.19
CA SER A 15 -0.51 -6.62 14.13
C SER A 15 0.03 -5.63 13.10
N TYR A 16 -0.78 -4.62 12.74
CA TYR A 16 -0.36 -3.52 11.85
C TYR A 16 0.83 -2.74 12.45
N ILE A 17 0.74 -2.41 13.74
CA ILE A 17 1.83 -1.72 14.46
C ILE A 17 3.10 -2.56 14.46
N LYS A 18 2.95 -3.88 14.60
CA LYS A 18 4.11 -4.80 14.59
C LYS A 18 4.69 -5.05 13.20
N SER A 19 3.91 -4.84 12.14
CA SER A 19 4.34 -5.13 10.76
C SER A 19 4.87 -3.92 10.00
N PHE A 20 4.41 -2.72 10.35
CA PHE A 20 4.70 -1.50 9.62
C PHE A 20 5.39 -0.45 10.48
N PRO A 21 6.73 -0.37 10.41
CA PRO A 21 7.50 0.67 11.13
C PRO A 21 6.98 2.09 10.92
N LEU A 22 6.58 2.45 9.71
CA LEU A 22 6.07 3.80 9.46
C LEU A 22 4.55 3.86 9.40
N THR A 23 3.92 4.40 10.45
CA THR A 23 2.48 4.48 10.51
C THR A 23 2.00 5.82 9.95
N LYS A 24 0.72 5.88 9.59
CA LYS A 24 0.11 7.13 9.17
C LYS A 24 0.21 8.19 10.29
N ALA A 25 0.08 7.79 11.56
CA ALA A 25 0.16 8.77 12.63
C ALA A 25 1.50 9.52 12.56
N LYS A 26 2.60 8.78 12.45
CA LYS A 26 3.94 9.32 12.36
C LYS A 26 4.14 10.10 11.07
N ALA A 27 3.66 9.55 9.95
CA ALA A 27 3.74 10.29 8.66
C ALA A 27 3.06 11.64 8.77
N ARG A 28 1.82 11.68 9.27
CA ARG A 28 1.08 12.93 9.29
C ARG A 28 1.76 13.92 10.23
N ALA A 29 2.33 13.40 11.32
CA ALA A 29 3.09 14.21 12.27
C ALA A 29 4.23 14.95 11.53
N ILE A 30 5.06 14.19 10.80
CA ILE A 30 6.13 14.77 9.96
C ILE A 30 5.56 15.77 8.95
N LEU A 31 4.61 15.35 8.14
CA LEU A 31 4.00 16.23 7.15
C LEU A 31 3.48 17.57 7.70
N THR A 32 3.06 17.59 8.96
CA THR A 32 2.46 18.80 9.55
C THR A 32 3.34 19.53 10.58
N GLY A 33 4.55 19.02 10.81
CA GLY A 33 5.52 19.70 11.68
C GLY A 33 5.49 19.35 13.16
N LYS A 34 4.56 18.49 13.56
CA LYS A 34 4.38 18.15 14.98
C LYS A 34 5.38 17.15 15.56
N THR A 35 6.60 17.10 15.02
CA THR A 35 7.68 16.28 15.62
C THR A 35 8.79 17.18 16.22
N THR A 36 9.95 17.26 15.58
CA THR A 36 11.02 18.14 16.07
C THR A 36 11.88 18.75 14.93
N ASP A 37 12.86 19.58 15.31
CA ASP A 37 13.83 20.26 14.41
C ASP A 37 14.18 19.51 13.10
N LYS A 38 14.18 18.19 13.19
CA LYS A 38 14.56 17.30 12.09
C LYS A 38 13.50 17.32 10.97
N SER A 39 13.21 18.52 10.45
CA SER A 39 12.27 18.75 9.36
C SER A 39 12.79 18.12 8.08
N PRO A 40 11.90 17.51 7.24
CA PRO A 40 12.43 16.72 6.14
C PRO A 40 13.11 17.55 5.04
N PHE A 41 14.14 16.97 4.43
CA PHE A 41 14.84 17.59 3.31
C PHE A 41 13.93 17.57 2.06
N VAL A 42 13.66 18.73 1.49
CA VAL A 42 12.76 18.87 0.34
C VAL A 42 13.47 18.69 -1.01
N ILE A 43 12.96 17.77 -1.83
CA ILE A 43 13.49 17.50 -3.16
C ILE A 43 12.49 17.99 -4.20
N TYR A 44 12.85 19.09 -4.88
CA TYR A 44 11.94 19.80 -5.76
C TYR A 44 12.52 20.03 -7.16
N ASP A 45 13.78 19.65 -7.33
CA ASP A 45 14.46 19.74 -8.63
C ASP A 45 15.70 18.85 -8.62
N MET A 46 16.48 18.90 -9.69
CA MET A 46 17.63 18.00 -9.80
C MET A 46 18.79 18.31 -8.85
N ASN A 47 19.05 19.59 -8.59
CA ASN A 47 20.06 19.93 -7.59
C ASN A 47 19.66 19.43 -6.21
N SER A 48 18.41 19.71 -5.83
CA SER A 48 17.79 19.20 -4.58
C SER A 48 18.08 17.71 -4.42
N LEU A 49 17.79 16.95 -5.47
CA LEU A 49 17.95 15.50 -5.46
C LEU A 49 19.38 15.06 -5.18
N MET A 50 20.35 15.72 -5.84
CA MET A 50 21.77 15.43 -5.62
C MET A 50 22.14 15.75 -4.17
N MET A 51 21.83 16.98 -3.75
CA MET A 51 21.97 17.44 -2.36
C MET A 51 21.38 16.47 -1.34
N GLY A 52 20.20 15.93 -1.66
CA GLY A 52 19.47 15.04 -0.76
C GLY A 52 20.04 13.64 -0.73
N GLU A 53 20.40 13.12 -1.91
CA GLU A 53 20.94 11.77 -2.05
C GLU A 53 22.13 11.56 -1.11
N ASP A 54 22.91 12.63 -0.90
CA ASP A 54 23.97 12.68 0.12
C ASP A 54 23.52 12.10 1.45
N LYS A 55 22.47 12.70 2.02
CA LYS A 55 21.95 12.31 3.33
C LYS A 55 20.65 11.51 3.22
N LYS A 69 22.11 5.61 -13.72
CA LYS A 69 21.51 6.06 -14.99
C LYS A 69 20.87 7.45 -14.86
N GLU A 70 19.94 7.77 -15.77
CA GLU A 70 19.22 9.04 -15.70
C GLU A 70 18.39 9.13 -14.42
N VAL A 71 18.02 10.34 -14.02
CA VAL A 71 17.30 10.56 -12.77
C VAL A 71 16.01 9.78 -12.66
N ALA A 72 15.21 9.78 -13.74
CA ALA A 72 13.92 9.08 -13.71
C ALA A 72 14.14 7.62 -13.35
N ILE A 73 15.20 7.03 -13.89
CA ILE A 73 15.47 5.61 -13.74
C ILE A 73 15.98 5.28 -12.31
N ARG A 74 16.80 6.17 -11.74
CA ARG A 74 17.26 6.00 -10.35
C ARG A 74 16.07 6.09 -9.37
N ILE A 75 15.11 6.96 -9.68
CA ILE A 75 13.92 7.08 -8.84
C ILE A 75 13.06 5.79 -8.98
N PHE A 76 12.83 5.38 -10.22
CA PHE A 76 12.17 4.09 -10.52
C PHE A 76 12.80 2.93 -9.72
N GLN A 77 14.13 2.83 -9.76
CA GLN A 77 14.84 1.71 -9.14
C GLN A 77 14.77 1.81 -7.61
N GLY A 78 14.77 3.03 -7.09
CA GLY A 78 14.55 3.29 -5.66
C GLY A 78 13.18 2.84 -5.16
N CYS A 79 12.12 3.19 -5.90
CA CYS A 79 10.76 2.79 -5.55
C CYS A 79 10.58 1.26 -5.61
N GLN A 80 11.21 0.60 -6.59
CA GLN A 80 11.13 -0.85 -6.70
C GLN A 80 11.81 -1.51 -5.49
N PHE A 81 12.99 -1.02 -5.09
CA PHE A 81 13.67 -1.54 -3.91
C PHE A 81 12.83 -1.34 -2.65
N ARG A 82 12.28 -0.15 -2.44
CA ARG A 82 11.35 0.07 -1.33
C ARG A 82 10.07 -0.78 -1.44
N SER A 83 9.67 -1.11 -2.67
CA SER A 83 8.49 -1.95 -2.85
C SER A 83 8.72 -3.40 -2.31
N VAL A 84 9.93 -3.92 -2.47
CA VAL A 84 10.28 -5.24 -1.99
C VAL A 84 10.13 -5.37 -0.47
N GLU A 85 10.58 -4.34 0.22
CA GLU A 85 10.50 -4.29 1.67
C GLU A 85 9.03 -4.19 2.02
N ALA A 86 8.26 -3.42 1.24
CA ALA A 86 6.81 -3.27 1.53
C ALA A 86 6.08 -4.59 1.39
N VAL A 87 6.41 -5.36 0.35
CA VAL A 87 5.78 -6.69 0.13
C VAL A 87 6.03 -7.58 1.33
N GLN A 88 7.25 -7.50 1.84
CA GLN A 88 7.64 -8.33 2.97
C GLN A 88 6.85 -7.96 4.20
N GLU A 89 6.69 -6.67 4.48
CA GLU A 89 5.94 -6.21 5.67
C GLU A 89 4.47 -6.59 5.51
N ILE A 90 3.94 -6.41 4.30
CA ILE A 90 2.52 -6.70 4.06
C ILE A 90 2.24 -8.18 4.19
N THR A 91 3.20 -9.01 3.78
CA THR A 91 3.09 -10.47 3.91
C THR A 91 3.04 -10.85 5.40
N GLU A 92 3.92 -10.23 6.18
CA GLU A 92 3.93 -10.45 7.63
C GLU A 92 2.63 -10.05 8.25
N TYR A 93 2.11 -8.89 7.85
CA TYR A 93 0.76 -8.49 8.30
C TYR A 93 -0.33 -9.52 7.92
N ALA A 94 -0.28 -10.03 6.69
CA ALA A 94 -1.35 -10.93 6.21
C ALA A 94 -1.38 -12.19 7.06
N LYS A 95 -0.19 -12.66 7.44
CA LYS A 95 -0.09 -13.85 8.27
C LYS A 95 -0.67 -13.67 9.67
N SER A 96 -0.92 -12.41 10.09
CA SER A 96 -1.59 -12.14 11.37
C SER A 96 -3.15 -11.96 11.24
N ILE A 97 -3.68 -11.99 10.01
CA ILE A 97 -5.17 -11.98 9.79
C ILE A 97 -5.67 -13.40 10.20
N PRO A 98 -6.55 -13.49 11.22
CA PRO A 98 -7.06 -14.79 11.69
C PRO A 98 -7.67 -15.61 10.57
N GLY A 99 -7.24 -16.89 10.46
CA GLY A 99 -7.69 -17.75 9.38
C GLY A 99 -6.78 -17.80 8.15
N PHE A 100 -6.02 -16.72 7.91
CA PHE A 100 -5.21 -16.61 6.68
C PHE A 100 -4.20 -17.76 6.52
N VAL A 101 -3.43 -18.04 7.57
CA VAL A 101 -2.38 -19.07 7.43
C VAL A 101 -2.91 -20.52 7.35
N ASN A 102 -4.22 -20.69 7.54
CA ASN A 102 -4.87 -22.00 7.40
C ASN A 102 -5.44 -22.15 6.01
N LEU A 103 -5.42 -21.08 5.21
CA LEU A 103 -5.85 -21.20 3.81
C LEU A 103 -4.86 -22.03 3.03
N ASP A 104 -5.35 -22.74 2.00
CA ASP A 104 -4.44 -23.41 1.09
C ASP A 104 -3.31 -22.44 0.74
N LEU A 105 -2.07 -22.91 0.75
CA LEU A 105 -0.92 -22.02 0.57
C LEU A 105 -0.89 -21.41 -0.84
N ASN A 106 -1.40 -22.13 -1.83
CA ASN A 106 -1.46 -21.54 -3.18
C ASN A 106 -2.45 -20.36 -3.22
N ASP A 107 -3.50 -20.46 -2.41
CA ASP A 107 -4.48 -19.39 -2.30
C ASP A 107 -3.90 -18.17 -1.55
N GLN A 108 -3.07 -18.43 -0.54
CA GLN A 108 -2.36 -17.35 0.14
C GLN A 108 -1.50 -16.61 -0.86
N VAL A 109 -0.73 -17.35 -1.67
CA VAL A 109 0.12 -16.77 -2.67
C VAL A 109 -0.71 -15.90 -3.63
N THR A 110 -1.85 -16.41 -4.06
CA THR A 110 -2.71 -15.71 -5.03
C THR A 110 -3.28 -14.41 -4.44
N LEU A 111 -3.70 -14.46 -3.17
CA LEU A 111 -4.23 -13.28 -2.51
C LEU A 111 -3.16 -12.18 -2.41
N LEU A 112 -1.91 -12.58 -2.13
CA LEU A 112 -0.81 -11.62 -2.02
C LEU A 112 -0.41 -11.09 -3.37
N LYS A 113 -0.30 -12.00 -4.33
CA LYS A 113 0.06 -11.63 -5.68
C LYS A 113 -0.87 -10.52 -6.22
N TYR A 114 -2.18 -10.69 -6.03
CA TYR A 114 -3.20 -9.79 -6.60
C TYR A 114 -3.58 -8.65 -5.66
N GLY A 115 -3.29 -8.79 -4.38
CA GLY A 115 -3.62 -7.76 -3.41
C GLY A 115 -2.52 -6.81 -2.96
N VAL A 116 -1.27 -7.24 -3.04
CA VAL A 116 -0.16 -6.50 -2.44
C VAL A 116 -0.05 -5.07 -2.99
N HIS A 117 -0.20 -4.89 -4.31
CA HIS A 117 -0.19 -3.54 -4.89
C HIS A 117 -1.31 -2.63 -4.47
N GLU A 118 -2.52 -3.15 -4.31
CA GLU A 118 -3.61 -2.32 -3.72
C GLU A 118 -3.24 -1.84 -2.32
N ILE A 119 -2.54 -2.70 -1.58
CA ILE A 119 -2.16 -2.34 -0.20
C ILE A 119 -1.02 -1.34 -0.24
N ILE A 120 -0.05 -1.56 -1.11
CA ILE A 120 1.07 -0.63 -1.29
C ILE A 120 0.53 0.80 -1.55
N TYR A 121 -0.44 0.93 -2.45
CA TYR A 121 -0.92 2.27 -2.79
C TYR A 121 -1.81 2.87 -1.70
N THR A 122 -2.50 2.01 -0.94
CA THR A 122 -3.23 2.46 0.23
C THR A 122 -2.28 3.11 1.23
N MET A 123 -1.21 2.41 1.55
CA MET A 123 -0.27 2.86 2.57
C MET A 123 0.60 4.00 2.05
N LEU A 124 0.92 4.01 0.75
CA LEU A 124 1.66 5.14 0.21
C LEU A 124 0.87 6.45 0.39
N ALA A 125 -0.47 6.38 0.32
CA ALA A 125 -1.32 7.57 0.47
C ALA A 125 -1.10 8.26 1.84
N SER A 126 -0.81 7.46 2.87
CA SER A 126 -0.50 8.01 4.22
C SER A 126 0.67 8.96 4.22
N LEU A 127 1.58 8.76 3.25
CA LEU A 127 2.81 9.50 3.11
C LEU A 127 2.65 10.72 2.17
N MET A 128 1.44 10.89 1.63
CA MET A 128 1.20 11.88 0.58
C MET A 128 0.28 13.01 1.03
N ASN A 129 0.54 14.19 0.48
CA ASN A 129 -0.47 15.20 0.49
C ASN A 129 -0.54 15.72 -0.96
N LYS A 130 -1.29 16.80 -1.19
CA LYS A 130 -1.46 17.32 -2.53
C LYS A 130 -0.16 17.87 -3.11
N ASP A 131 0.85 18.08 -2.29
CA ASP A 131 2.10 18.69 -2.75
C ASP A 131 3.29 17.78 -2.89
N GLY A 132 3.21 16.56 -2.39
CA GLY A 132 4.36 15.66 -2.49
C GLY A 132 4.23 14.47 -1.56
N VAL A 133 5.35 13.74 -1.41
CA VAL A 133 5.38 12.48 -0.74
C VAL A 133 6.63 12.43 0.15
N LEU A 134 6.45 11.93 1.37
CA LEU A 134 7.56 11.58 2.26
C LEU A 134 8.35 10.43 1.74
N ILE A 135 9.66 10.61 1.63
CA ILE A 135 10.54 9.55 1.18
C ILE A 135 11.57 9.25 2.26
N SER A 136 12.35 8.18 2.06
CA SER A 136 13.43 7.82 2.99
C SER A 136 12.93 7.76 4.44
N GLU A 137 11.85 6.99 4.64
CA GLU A 137 11.21 6.81 5.93
C GLU A 137 10.98 8.11 6.67
N GLY A 138 10.46 9.11 5.96
CA GLY A 138 10.06 10.36 6.58
C GLY A 138 11.13 11.43 6.63
N GLN A 139 12.34 11.14 6.15
CA GLN A 139 13.44 12.12 6.22
C GLN A 139 13.48 13.13 5.08
N GLY A 140 12.84 12.78 3.97
CA GLY A 140 12.78 13.67 2.81
C GLY A 140 11.36 13.87 2.39
N PHE A 141 11.15 14.82 1.50
CA PHE A 141 9.85 15.14 0.93
C PHE A 141 10.08 15.43 -0.56
N MET A 142 9.61 14.53 -1.41
CA MET A 142 9.77 14.77 -2.85
C MET A 142 8.51 15.42 -3.40
N THR A 143 8.63 16.55 -4.11
CA THR A 143 7.44 17.28 -4.50
C THR A 143 6.71 16.60 -5.65
N ARG A 144 5.40 16.83 -5.71
CA ARG A 144 4.56 16.34 -6.80
C ARG A 144 4.98 16.87 -8.17
N GLU A 145 5.49 18.09 -8.18
CA GLU A 145 5.81 18.75 -9.44
C GLU A 145 7.12 18.13 -9.96
N PHE A 146 8.07 17.85 -9.07
CA PHE A 146 9.29 17.14 -9.46
C PHE A 146 9.05 15.74 -10.06
N LEU A 147 8.22 14.96 -9.40
CA LEU A 147 7.86 13.64 -9.92
C LEU A 147 7.16 13.79 -11.26
N LYS A 148 6.33 14.82 -11.38
CA LYS A 148 5.61 15.07 -12.63
C LYS A 148 6.58 15.48 -13.78
N SER A 149 7.67 16.13 -13.41
CA SER A 149 8.69 16.60 -14.34
C SER A 149 9.48 15.46 -15.00
N LEU A 150 9.34 14.24 -14.50
CA LEU A 150 10.18 13.14 -14.98
C LEU A 150 9.69 12.75 -16.36
N ARG A 151 10.60 12.31 -17.20
CA ARG A 151 10.22 11.99 -18.55
C ARG A 151 9.25 10.80 -18.58
N LYS A 152 8.44 10.77 -19.63
CA LYS A 152 7.59 9.65 -19.95
C LYS A 152 8.49 8.44 -20.14
N PRO A 153 8.07 7.27 -19.62
CA PRO A 153 6.81 6.94 -18.93
C PRO A 153 6.88 7.18 -17.39
N PHE A 154 8.06 7.51 -16.91
CA PHE A 154 8.30 7.59 -15.46
C PHE A 154 7.55 8.73 -14.78
N GLY A 155 7.32 9.81 -15.51
CA GLY A 155 6.50 10.86 -14.95
C GLY A 155 5.01 10.52 -14.80
N ASP A 156 4.56 9.42 -15.38
CA ASP A 156 3.14 8.98 -15.31
C ASP A 156 2.87 8.09 -14.07
N PHE A 157 3.90 7.67 -13.36
CA PHE A 157 3.69 6.76 -12.20
C PHE A 157 2.90 7.41 -11.06
N MET A 158 3.39 8.56 -10.61
CA MET A 158 2.92 9.13 -9.35
C MET A 158 1.63 9.89 -9.45
N GLU A 159 1.39 10.59 -10.54
CA GLU A 159 0.27 11.52 -10.61
C GLU A 159 -1.12 10.96 -10.31
N PRO A 160 -1.49 9.77 -10.86
CA PRO A 160 -2.79 9.20 -10.51
C PRO A 160 -2.88 8.72 -9.05
N LYS A 161 -1.74 8.43 -8.44
CA LYS A 161 -1.68 8.07 -7.02
C LYS A 161 -1.90 9.31 -6.16
N PHE A 162 -1.42 10.48 -6.61
CA PHE A 162 -1.75 11.75 -5.93
C PHE A 162 -3.22 12.02 -6.00
N GLU A 163 -3.80 11.82 -7.20
CA GLU A 163 -5.22 12.01 -7.39
C GLU A 163 -5.99 11.11 -6.43
N PHE A 164 -5.59 9.84 -6.35
CA PHE A 164 -6.19 8.90 -5.41
C PHE A 164 -5.98 9.32 -3.96
N ALA A 165 -4.73 9.59 -3.58
CA ALA A 165 -4.38 9.85 -2.18
C ALA A 165 -5.15 11.02 -1.65
N VAL A 166 -5.28 12.08 -2.46
CA VAL A 166 -5.94 13.29 -1.99
C VAL A 166 -7.40 13.02 -1.59
N LYS A 167 -8.14 12.31 -2.46
CA LYS A 167 -9.52 11.97 -2.16
C LYS A 167 -9.64 10.90 -1.06
N PHE A 168 -8.66 10.00 -1.00
CA PHE A 168 -8.66 8.96 0.04
C PHE A 168 -8.36 9.55 1.43
N ASN A 169 -7.34 10.42 1.50
CA ASN A 169 -7.01 11.08 2.76
C ASN A 169 -8.08 12.02 3.29
N ALA A 170 -8.92 12.54 2.40
CA ALA A 170 -10.08 13.35 2.82
C ALA A 170 -11.12 12.57 3.62
N LEU A 171 -11.07 11.23 3.60
CA LEU A 171 -11.95 10.40 4.46
C LEU A 171 -11.40 10.32 5.89
N GLU A 172 -10.13 10.70 6.07
CA GLU A 172 -9.49 10.82 7.40
C GLU A 172 -9.44 9.52 8.17
N LEU A 173 -9.09 8.43 7.48
CA LEU A 173 -8.96 7.14 8.16
C LEU A 173 -7.68 7.18 8.95
N ASP A 174 -7.68 6.50 10.09
CA ASP A 174 -6.48 6.40 10.91
C ASP A 174 -5.93 4.98 10.81
N ASP A 175 -4.84 4.71 11.51
CA ASP A 175 -4.14 3.42 11.42
C ASP A 175 -5.05 2.27 11.82
N SER A 176 -5.89 2.54 12.83
CA SER A 176 -6.83 1.51 13.34
C SER A 176 -7.87 1.14 12.28
N ASP A 177 -8.36 2.14 11.55
CA ASP A 177 -9.29 1.89 10.43
C ASP A 177 -8.53 1.18 9.30
N LEU A 178 -7.30 1.63 9.02
CA LEU A 178 -6.54 1.14 7.86
C LEU A 178 -6.22 -0.33 8.04
N ALA A 179 -5.93 -0.71 9.26
CA ALA A 179 -5.59 -2.11 9.52
C ALA A 179 -6.68 -3.07 9.03
N ILE A 180 -7.94 -2.74 9.29
CA ILE A 180 -9.08 -3.60 8.86
C ILE A 180 -9.33 -3.45 7.38
N PHE A 181 -9.28 -2.20 6.89
CA PHE A 181 -9.38 -1.93 5.43
C PHE A 181 -8.44 -2.81 4.62
N ILE A 182 -7.17 -2.83 4.99
CA ILE A 182 -6.20 -3.65 4.27
C ILE A 182 -6.47 -5.15 4.36
N ALA A 183 -6.93 -5.61 5.52
CA ALA A 183 -7.28 -7.03 5.67
C ALA A 183 -8.45 -7.40 4.74
N VAL A 184 -9.45 -6.52 4.69
CA VAL A 184 -10.59 -6.77 3.85
C VAL A 184 -10.12 -6.96 2.41
N ILE A 185 -9.24 -6.07 1.93
CA ILE A 185 -8.74 -6.14 0.56
C ILE A 185 -7.96 -7.41 0.28
N ILE A 186 -7.10 -7.81 1.20
CA ILE A 186 -6.29 -9.01 1.00
C ILE A 186 -7.17 -10.27 0.85
N LEU A 187 -8.24 -10.33 1.65
CA LEU A 187 -9.14 -11.48 1.71
C LEU A 187 -10.27 -11.35 0.70
N SER A 188 -9.93 -11.01 -0.53
CA SER A 188 -10.90 -10.80 -1.64
C SER A 188 -11.11 -12.13 -2.35
N GLY A 189 -12.34 -12.65 -2.30
CA GLY A 189 -12.66 -13.98 -2.90
C GLY A 189 -12.72 -14.03 -4.42
N ASP A 190 -12.58 -12.87 -5.06
CA ASP A 190 -12.63 -12.75 -6.52
C ASP A 190 -11.30 -12.63 -7.26
N ARG A 191 -10.18 -12.95 -6.62
CA ARG A 191 -8.89 -13.02 -7.32
C ARG A 191 -8.85 -14.20 -8.27
N PRO A 192 -8.29 -14.01 -9.47
CA PRO A 192 -8.16 -15.09 -10.46
C PRO A 192 -7.43 -16.29 -9.90
N GLY A 193 -7.93 -17.50 -10.16
CA GLY A 193 -7.16 -18.72 -9.90
C GLY A 193 -7.23 -19.21 -8.46
N LEU A 194 -8.13 -18.64 -7.66
CA LEU A 194 -8.32 -19.13 -6.27
C LEU A 194 -8.92 -20.53 -6.23
N LEU A 195 -8.35 -21.40 -5.40
CA LEU A 195 -8.86 -22.77 -5.35
C LEU A 195 -10.12 -22.92 -4.47
N ASN A 196 -10.08 -22.34 -3.27
CA ASN A 196 -11.21 -22.43 -2.33
C ASN A 196 -11.72 -21.03 -1.99
N VAL A 197 -12.70 -20.56 -2.74
CA VAL A 197 -13.22 -19.22 -2.52
C VAL A 197 -14.01 -19.10 -1.21
N LYS A 198 -14.77 -20.13 -0.85
CA LYS A 198 -15.68 -20.00 0.27
C LYS A 198 -15.04 -19.65 1.64
N PRO A 199 -13.94 -20.34 2.05
CA PRO A 199 -13.31 -19.96 3.34
C PRO A 199 -12.75 -18.52 3.31
N ILE A 200 -12.32 -18.05 2.15
CA ILE A 200 -11.84 -16.66 2.00
C ILE A 200 -12.99 -15.69 2.23
N GLU A 201 -14.11 -15.96 1.54
CA GLU A 201 -15.31 -15.13 1.70
C GLU A 201 -15.87 -15.10 3.11
N ASP A 202 -15.79 -16.21 3.84
CA ASP A 202 -16.26 -16.24 5.25
C ASP A 202 -15.38 -15.34 6.14
N ILE A 203 -14.07 -15.41 5.92
CA ILE A 203 -13.14 -14.51 6.62
C ILE A 203 -13.44 -13.05 6.26
N GLN A 204 -13.54 -12.76 4.97
CA GLN A 204 -13.81 -11.39 4.54
C GLN A 204 -15.09 -10.88 5.11
N ASP A 205 -16.11 -11.73 5.18
CA ASP A 205 -17.44 -11.31 5.69
C ASP A 205 -17.31 -10.81 7.15
N ASN A 206 -16.54 -11.55 7.94
CA ASN A 206 -16.25 -11.12 9.31
C ASN A 206 -15.45 -9.80 9.40
N LEU A 207 -14.42 -9.68 8.55
CA LEU A 207 -13.59 -8.46 8.47
C LEU A 207 -14.44 -7.24 8.14
N LEU A 208 -15.39 -7.43 7.23
CA LEU A 208 -16.27 -6.36 6.78
C LEU A 208 -17.16 -5.91 7.90
N GLN A 209 -17.73 -6.84 8.66
CA GLN A 209 -18.52 -6.51 9.83
C GLN A 209 -17.66 -5.76 10.83
N ALA A 210 -16.41 -6.20 10.99
CA ALA A 210 -15.52 -5.52 11.92
C ALA A 210 -15.21 -4.10 11.44
N LEU A 211 -15.01 -3.94 10.13
CA LEU A 211 -14.74 -2.64 9.53
C LEU A 211 -15.93 -1.73 9.71
N GLU A 212 -17.12 -2.27 9.46
CA GLU A 212 -18.37 -1.46 9.58
C GLU A 212 -18.54 -0.89 11.00
N LEU A 213 -18.30 -1.74 12.01
CA LEU A 213 -18.40 -1.31 13.39
C LEU A 213 -17.29 -0.30 13.79
N GLN A 214 -16.06 -0.56 13.33
CA GLN A 214 -14.91 0.34 13.59
C GLN A 214 -15.21 1.75 13.06
N LEU A 215 -15.70 1.82 11.81
CA LEU A 215 -15.96 3.11 11.21
C LEU A 215 -17.10 3.84 11.88
N LYS A 216 -18.15 3.12 12.28
CA LYS A 216 -19.23 3.72 13.06
C LYS A 216 -18.77 4.23 14.42
N LEU A 217 -17.97 3.45 15.12
CA LEU A 217 -17.51 3.90 16.45
C LEU A 217 -16.42 4.96 16.37
N ASN A 218 -15.53 4.82 15.40
CA ASN A 218 -14.38 5.74 15.29
C ASN A 218 -14.75 7.00 14.54
N HIS A 219 -15.74 6.90 13.64
CA HIS A 219 -16.13 8.10 12.88
C HIS A 219 -17.64 8.23 12.86
N PRO A 220 -18.26 8.47 14.03
CA PRO A 220 -19.72 8.35 14.13
C PRO A 220 -20.49 9.36 13.26
N GLU A 221 -19.92 10.52 13.00
CA GLU A 221 -20.61 11.54 12.18
C GLU A 221 -20.15 11.60 10.74
N SER A 222 -19.37 10.61 10.30
CA SER A 222 -18.88 10.65 8.92
C SER A 222 -19.92 9.99 8.02
N SER A 223 -20.51 10.80 7.15
CA SER A 223 -21.65 10.36 6.35
C SER A 223 -21.28 9.25 5.37
N GLN A 224 -21.98 8.12 5.51
CA GLN A 224 -21.85 6.95 4.64
C GLN A 224 -20.36 6.53 4.50
N LEU A 225 -19.61 6.62 5.60
CA LEU A 225 -18.17 6.38 5.49
C LEU A 225 -17.87 4.96 4.99
N PHE A 226 -18.53 3.94 5.55
CA PHE A 226 -18.35 2.56 5.08
C PHE A 226 -18.56 2.39 3.58
N ALA A 227 -19.67 2.89 3.06
CA ALA A 227 -19.90 2.82 1.61
C ALA A 227 -18.76 3.49 0.80
N LYS A 228 -18.28 4.63 1.28
CA LYS A 228 -17.28 5.40 0.59
C LYS A 228 -15.95 4.67 0.58
N LEU A 229 -15.65 4.04 1.70
CA LEU A 229 -14.52 3.14 1.84
C LEU A 229 -14.52 1.98 0.89
N LEU A 230 -15.64 1.29 0.82
CA LEU A 230 -15.74 0.14 -0.06
C LEU A 230 -15.50 0.58 -1.49
N GLN A 231 -15.96 1.78 -1.80
CA GLN A 231 -15.80 2.32 -3.14
C GLN A 231 -14.32 2.50 -3.47
N LYS A 232 -13.55 2.90 -2.45
CA LYS A 232 -12.11 3.08 -2.60
C LYS A 232 -11.39 1.80 -2.94
N MET A 233 -11.87 0.67 -2.41
CA MET A 233 -11.29 -0.63 -2.68
C MET A 233 -11.43 -0.91 -4.17
N THR A 234 -12.56 -0.48 -4.74
CA THR A 234 -12.73 -0.56 -6.19
C THR A 234 -11.75 0.34 -6.96
N ASP A 235 -11.58 1.58 -6.49
CA ASP A 235 -10.70 2.51 -7.18
C ASP A 235 -9.23 2.08 -7.16
N LEU A 236 -8.82 1.36 -6.10
CA LEU A 236 -7.44 0.84 -6.01
C LEU A 236 -7.13 -0.15 -7.12
N ARG A 237 -8.10 -0.97 -7.48
CA ARG A 237 -7.87 -1.97 -8.51
C ARG A 237 -7.54 -1.29 -9.85
N GLN A 238 -8.16 -0.15 -10.10
CA GLN A 238 -7.93 0.60 -11.34
C GLN A 238 -6.56 1.29 -11.32
N ILE A 239 -6.23 1.87 -10.18
CA ILE A 239 -4.88 2.38 -9.94
C ILE A 239 -3.85 1.31 -10.30
N VAL A 240 -4.04 0.09 -9.80
CA VAL A 240 -3.08 -1.01 -10.04
C VAL A 240 -3.03 -1.45 -11.53
N THR A 241 -4.20 -1.63 -12.15
CA THR A 241 -4.25 -1.93 -13.57
C THR A 241 -3.41 -0.91 -14.35
N GLU A 242 -3.61 0.37 -14.09
CA GLU A 242 -2.84 1.40 -14.79
C GLU A 242 -1.34 1.34 -14.52
N HIS A 243 -0.99 1.14 -13.25
CA HIS A 243 0.41 0.95 -12.85
C HIS A 243 1.06 -0.25 -13.59
N VAL A 244 0.33 -1.36 -13.68
CA VAL A 244 0.87 -2.58 -14.31
C VAL A 244 1.05 -2.39 -15.84
N GLN A 245 0.15 -1.61 -16.43
CA GLN A 245 0.24 -1.25 -17.86
C GLN A 245 1.50 -0.44 -18.09
N LEU A 246 1.81 0.47 -17.17
CA LEU A 246 3.05 1.26 -17.29
C LEU A 246 4.28 0.37 -17.14
N LEU A 247 4.27 -0.55 -16.19
CA LEU A 247 5.36 -1.52 -16.03
C LEU A 247 5.56 -2.33 -17.32
N GLN A 248 4.45 -2.71 -17.96
CA GLN A 248 4.49 -3.45 -19.24
C GLN A 248 5.20 -2.66 -20.33
N VAL A 249 4.82 -1.39 -20.47
CA VAL A 249 5.44 -0.43 -21.42
C VAL A 249 6.96 -0.38 -21.17
N ILE A 250 7.34 -0.17 -19.92
CA ILE A 250 8.75 -0.12 -19.55
C ILE A 250 9.48 -1.41 -19.95
N LYS A 251 8.84 -2.56 -19.66
CA LYS A 251 9.40 -3.86 -20.02
C LYS A 251 9.58 -3.99 -21.54
N LYS A 252 8.58 -3.52 -22.30
CA LYS A 252 8.65 -3.59 -23.76
C LYS A 252 9.65 -2.61 -24.39
N THR A 253 9.82 -1.41 -23.82
CA THR A 253 10.42 -0.28 -24.55
C THR A 253 11.62 0.41 -23.88
N GLU A 254 12.02 -0.13 -22.74
CA GLU A 254 12.96 0.51 -21.84
C GLU A 254 13.82 -0.63 -21.27
N THR A 255 13.98 -1.71 -22.03
CA THR A 255 14.35 -3.04 -21.46
C THR A 255 15.77 -3.12 -20.84
N ASP A 256 16.42 -1.98 -20.68
CA ASP A 256 17.82 -1.90 -20.29
C ASP A 256 18.05 -2.12 -18.78
N MET A 257 17.18 -2.93 -18.18
CA MET A 257 16.98 -2.95 -16.73
C MET A 257 15.86 -3.92 -16.41
N SER A 258 15.79 -4.38 -15.16
CA SER A 258 14.60 -5.11 -14.70
C SER A 258 14.29 -5.04 -13.20
N LEU A 259 13.09 -5.50 -12.85
CA LEU A 259 12.59 -5.65 -11.46
C LEU A 259 13.40 -6.63 -10.63
N HIS A 260 13.25 -6.51 -9.30
CA HIS A 260 13.76 -7.46 -8.31
C HIS A 260 13.01 -8.79 -8.46
N PRO A 261 13.68 -9.93 -8.22
CA PRO A 261 13.03 -11.26 -8.35
C PRO A 261 11.68 -11.44 -7.58
N LEU A 262 11.59 -10.94 -6.35
CA LEU A 262 10.31 -10.97 -5.64
C LEU A 262 9.21 -10.22 -6.40
N LEU A 263 9.52 -9.07 -6.99
CA LEU A 263 8.50 -8.32 -7.76
C LEU A 263 8.17 -9.01 -9.09
N GLN A 264 9.16 -9.67 -9.68
CA GLN A 264 8.95 -10.49 -10.88
C GLN A 264 7.92 -11.60 -10.64
N GLU A 265 8.00 -12.25 -9.48
CA GLU A 265 7.06 -13.31 -9.09
C GLU A 265 5.65 -12.77 -9.04
N ILE A 266 5.49 -11.69 -8.28
CA ILE A 266 4.21 -11.00 -8.19
C ILE A 266 3.68 -10.62 -9.57
N TYR A 267 4.53 -10.04 -10.40
CA TYR A 267 4.07 -9.54 -11.69
C TYR A 267 3.83 -10.59 -12.77
N LYS A 268 4.38 -11.79 -12.60
CA LYS A 268 4.24 -12.85 -13.59
C LYS A 268 2.77 -13.20 -13.77
N ASP A 269 2.27 -13.06 -14.99
CA ASP A 269 0.86 -13.36 -15.31
C ASP A 269 -0.17 -12.53 -14.49
N LEU A 270 0.25 -11.35 -14.03
CA LEU A 270 -0.63 -10.44 -13.29
C LEU A 270 -1.35 -9.50 -14.25
N TYR A 271 -2.67 -9.69 -14.36
CA TYR A 271 -3.53 -8.96 -15.31
C TYR A 271 -3.00 -9.08 -16.74
N HIS B 4 6.96 -18.54 -4.41
CA HIS B 4 8.35 -19.17 -4.35
C HIS B 4 9.28 -18.41 -3.40
N LYS B 5 9.57 -17.16 -3.71
CA LYS B 5 10.09 -16.27 -2.69
C LYS B 5 8.88 -15.90 -1.81
N LEU B 6 7.71 -15.78 -2.44
CA LEU B 6 6.44 -15.57 -1.73
C LEU B 6 6.11 -16.71 -0.76
N VAL B 7 6.22 -17.95 -1.23
CA VAL B 7 6.09 -19.12 -0.38
C VAL B 7 7.06 -19.10 0.81
N GLN B 8 8.31 -18.70 0.58
CA GLN B 8 9.29 -18.55 1.63
C GLN B 8 8.86 -17.53 2.69
N LEU B 9 8.38 -16.36 2.25
CA LEU B 9 7.90 -15.33 3.17
C LEU B 9 6.70 -15.81 3.96
N LEU B 10 5.79 -16.49 3.26
CA LEU B 10 4.56 -16.99 3.87
C LEU B 10 4.79 -18.08 4.91
N THR B 11 5.85 -18.88 4.76
CA THR B 11 6.07 -19.98 5.72
C THR B 11 7.15 -19.72 6.79
N THR B 12 7.86 -18.60 6.70
CA THR B 12 8.86 -18.26 7.73
C THR B 12 8.17 -17.99 9.05
N THR B 13 8.80 -18.41 10.12
CA THR B 13 8.25 -18.16 11.46
C THR B 13 9.29 -17.42 12.27
C1 RO0 C . 6.56 4.97 -4.73
C2 RO0 C . 6.97 4.29 -3.56
C3 RO0 C . 5.88 4.25 -5.76
C4 RO0 C . 6.84 6.38 -4.85
C5 RO0 C . 6.67 2.89 -3.48
C6 RO0 C . 7.64 5.00 -2.52
C7 RO0 C . 5.41 4.93 -7.02
N8 RO0 C . 5.64 2.97 -5.64
C9 RO0 C . 7.50 7.03 -3.83
C10 RO0 C . 6.03 2.28 -4.53
C11 RO0 C . 7.10 2.08 -2.29
C12 RO0 C . 7.89 6.34 -2.68
C13 RO0 C . 6.45 5.16 -8.04
O14 RO0 C . 7.83 8.35 -3.84
N15 RO0 C . 6.55 2.53 -1.02
O16 RO0 C . 8.49 7.13 -1.76
C17 RO0 C . 7.08 4.04 -8.60
C18 RO0 C . 6.79 6.49 -8.45
C19 RO0 C . 7.40 9.03 -5.01
C20 RO0 C . 5.13 2.13 -0.98
C21 RO0 C . 7.32 1.92 0.08
C22 RO0 C . 8.91 6.48 -0.56
C23 RO0 C . 8.07 4.27 -9.55
C24 RO0 C . 7.80 6.70 -9.42
C25 RO0 C . 4.47 2.53 0.35
C26 RO0 C . 6.67 2.15 1.47
C27 RO0 C . 8.43 5.59 -9.95
O28 RO0 C . 8.73 3.20 -10.12
C29 RO0 C . 5.19 1.77 1.45
O30 RO0 C . 9.41 5.73 -10.91
C31 RO0 C . 8.35 1.89 -9.70
C32 RO0 C . 4.60 1.96 2.81
C33 RO0 C . 9.75 7.05 -11.31
C34 RO0 C . 4.36 0.84 3.63
C35 RO0 C . 4.31 3.24 3.29
C36 RO0 C . 3.81 0.96 4.91
O37 RO0 C . 4.65 -0.40 3.11
C38 RO0 C . 3.76 3.38 4.57
C39 RO0 C . 3.53 2.26 5.37
C40 RO0 C . 4.40 -1.56 3.92
C1 GOL D . 6.15 0.22 -7.11
O1 GOL D . 4.89 0.90 -7.00
C2 GOL D . 6.08 -1.15 -7.75
O2 GOL D . 6.19 -1.18 -9.13
C3 GOL D . 6.00 -2.31 -7.08
O3 GOL D . 5.96 -3.50 -7.76
#